data_8Z5B
#
_entry.id   8Z5B
#
_cell.length_a   74.590
_cell.length_b   74.590
_cell.length_c   230.946
_cell.angle_alpha   90.00
_cell.angle_beta   90.00
_cell.angle_gamma   90.00
#
_symmetry.space_group_name_H-M   'P 41 21 2'
#
loop_
_entity.id
_entity.type
_entity.pdbx_description
1 polymer 'Multicopper oxidase'
2 non-polymer 'MANGANESE (II) ION'
3 non-polymer 'COPPER (II) ION'
4 water water
#
_entity_poly.entity_id   1
_entity_poly.type   'polypeptide(L)'
_entity_poly.pdbx_seq_one_letter_code
;MGSSHHHHHHSSGLVPRGSHMASMTGGQQMGRGSMKIKNKRRMKVDPSNPETIPKYMDELPIPPVARPLAEIKGSPYYEI
AMRQVPHRFHRLFPPTTVWGYDGMLPGPTIKVQKDEKIYVRWKNKLPEKHLLPIDRTLHETAGPPDVRTVVHLHGANVAW
DSDGHPEAWFSRDFAKTGATFRRKVYEYTNKQMGATLWYHDHAIGITRLNVYSGLSGFYLIEDPVEKHLKLPKDGYDIPL
MIQDRSFRSDGSLSYPENTNPPAPVNPSVQPFFIGNTIAVNGKIWPKLTVEPRKYRFRILNASNTNAYTLRLGDGRKFYQ
ISTDGGLLTEPVELTTLPLEPAERSDVIIDFSQHKGKKLILQNTNAEGNMGIIMRFDVLQPLRGRDTSEIPAKLISEEQV
LYEHHADKTRLLKLDAIQDEYNRPVLLLDDRMWHDPVTEKPVIGDTEVWKLINVTNFAHPIHIHLIQFKILHRTPFDLER
FQQDGYIDYTGPPIEPAVHERGWKDTVKAEPGMVTSVIMKFTENPGEYVWHCHILEHEDYDMMRPMRVVEKEK
;
_entity_poly.pdbx_strand_id   A
#
# COMPACT_ATOMS: atom_id res chain seq x y z
N LYS A 44 33.90 7.44 1.23
CA LYS A 44 33.09 7.45 2.44
C LYS A 44 31.60 7.49 2.09
N VAL A 45 30.82 6.57 2.65
CA VAL A 45 29.40 6.51 2.37
C VAL A 45 28.68 7.47 3.31
N ASP A 46 28.05 8.48 2.72
CA ASP A 46 27.24 9.45 3.44
C ASP A 46 25.78 9.09 3.16
N PRO A 47 25.04 8.59 4.14
CA PRO A 47 23.65 8.19 3.89
C PRO A 47 22.78 9.29 3.28
N SER A 48 23.12 10.56 3.50
CA SER A 48 22.33 11.67 2.99
C SER A 48 22.68 12.01 1.55
N ASN A 49 23.72 11.38 0.99
CA ASN A 49 24.17 11.67 -0.37
C ASN A 49 24.12 10.40 -1.19
N PRO A 50 23.02 10.18 -1.92
CA PRO A 50 22.86 8.89 -2.62
C PRO A 50 23.92 8.61 -3.66
N GLU A 51 24.63 9.64 -4.15
CA GLU A 51 25.71 9.38 -5.10
C GLU A 51 26.90 8.69 -4.46
N THR A 52 26.98 8.65 -3.12
CA THR A 52 28.03 7.93 -2.43
C THR A 52 27.66 6.50 -2.04
N ILE A 53 26.45 6.03 -2.36
CA ILE A 53 25.96 4.74 -1.91
C ILE A 53 26.19 3.72 -3.03
N PRO A 54 27.05 2.73 -2.82
CA PRO A 54 27.26 1.71 -3.86
C PRO A 54 26.05 0.79 -3.94
N LYS A 55 25.46 0.72 -5.12
CA LYS A 55 24.26 -0.08 -5.31
CA LYS A 55 24.26 -0.08 -5.28
C LYS A 55 24.58 -1.56 -5.34
N TYR A 56 23.57 -2.37 -4.99
CA TYR A 56 23.61 -3.82 -5.18
C TYR A 56 24.61 -4.51 -4.25
N MET A 57 24.84 -3.93 -3.09
CA MET A 57 25.73 -4.55 -2.10
C MET A 57 24.98 -5.49 -1.18
N ASP A 58 23.67 -5.31 -1.04
CA ASP A 58 22.86 -6.10 -0.12
C ASP A 58 22.02 -7.12 -0.88
N GLU A 59 22.06 -8.37 -0.43
CA GLU A 59 21.15 -9.39 -0.94
C GLU A 59 19.77 -9.15 -0.31
N LEU A 60 18.75 -9.05 -1.17
CA LEU A 60 17.38 -8.83 -0.72
C LEU A 60 17.01 -9.80 0.40
N PRO A 61 16.55 -9.31 1.55
CA PRO A 61 16.10 -10.21 2.62
C PRO A 61 14.65 -10.60 2.43
N ILE A 62 14.31 -11.78 2.94
CA ILE A 62 12.93 -12.26 2.94
C ILE A 62 12.42 -12.13 4.38
N PRO A 63 11.36 -11.37 4.62
CA PRO A 63 10.86 -11.25 5.99
C PRO A 63 10.47 -12.61 6.52
N PRO A 64 10.74 -12.88 7.79
CA PRO A 64 10.35 -14.17 8.36
C PRO A 64 8.85 -14.23 8.50
N VAL A 65 8.34 -15.46 8.58
CA VAL A 65 6.90 -15.69 8.75
C VAL A 65 6.54 -15.62 10.22
N ALA A 66 5.49 -14.87 10.54
CA ALA A 66 5.02 -14.79 11.92
C ALA A 66 4.53 -16.15 12.39
N ARG A 67 4.81 -16.47 13.64
CA ARG A 67 4.39 -17.72 14.25
C ARG A 67 3.40 -17.44 15.36
N PRO A 68 2.29 -18.15 15.39
CA PRO A 68 1.31 -17.92 16.45
C PRO A 68 1.85 -18.36 17.81
N LEU A 69 1.37 -17.70 18.85
CA LEU A 69 1.71 -18.06 20.22
C LEU A 69 0.77 -19.13 20.75
N ALA A 70 -0.47 -19.18 20.26
CA ALA A 70 -1.38 -20.21 20.75
C ALA A 70 -2.33 -20.62 19.63
N GLU A 71 -3.13 -21.65 19.88
CA GLU A 71 -4.23 -22.03 19.00
C GLU A 71 -5.41 -22.43 19.87
N ILE A 72 -6.52 -21.71 19.74
CA ILE A 72 -7.71 -21.92 20.56
C ILE A 72 -8.83 -22.47 19.68
N LYS A 73 -9.26 -23.71 19.96
CA LYS A 73 -10.31 -24.35 19.18
C LYS A 73 -10.01 -24.26 17.68
N GLY A 74 -8.76 -24.47 17.33
CA GLY A 74 -8.31 -24.42 15.95
C GLY A 74 -7.98 -23.05 15.39
N SER A 75 -8.12 -21.97 16.18
CA SER A 75 -7.84 -20.63 15.68
C SER A 75 -6.49 -20.15 16.17
N PRO A 76 -5.55 -19.85 15.28
CA PRO A 76 -4.26 -19.29 15.71
C PRO A 76 -4.40 -17.94 16.39
N TYR A 77 -3.54 -17.70 17.39
CA TYR A 77 -3.46 -16.44 18.13
C TYR A 77 -2.03 -15.93 18.02
N TYR A 78 -1.91 -14.70 17.50
CA TYR A 78 -0.65 -13.99 17.32
C TYR A 78 -0.59 -12.80 18.27
N GLU A 79 0.62 -12.47 18.69
CA GLU A 79 0.89 -11.29 19.49
C GLU A 79 2.09 -10.59 18.87
N ILE A 80 1.87 -9.38 18.37
CA ILE A 80 2.87 -8.67 17.60
C ILE A 80 3.05 -7.29 18.21
N ALA A 81 4.27 -6.99 18.66
CA ALA A 81 4.57 -5.79 19.42
C ALA A 81 5.37 -4.81 18.55
N MET A 82 4.92 -3.56 18.55
CA MET A 82 5.62 -2.48 17.88
C MET A 82 6.75 -1.99 18.77
N ARG A 83 8.00 -2.06 18.28
CA ARG A 83 9.16 -1.75 19.10
C ARG A 83 10.13 -0.86 18.33
N GLN A 84 10.81 0.02 19.05
CA GLN A 84 11.87 0.85 18.48
C GLN A 84 13.19 0.08 18.51
N VAL A 85 13.79 -0.11 17.35
CA VAL A 85 14.94 -1.00 17.20
C VAL A 85 15.89 -0.44 16.17
N PRO A 86 17.13 -0.93 16.15
CA PRO A 86 18.02 -0.61 15.03
C PRO A 86 17.74 -1.48 13.81
N HIS A 87 17.94 -0.89 12.64
CA HIS A 87 17.81 -1.62 11.39
C HIS A 87 18.84 -1.02 10.43
N ARG A 88 19.57 -1.86 9.72
CA ARG A 88 20.57 -1.37 8.77
C ARG A 88 19.96 -1.36 7.38
N PHE A 89 19.88 -0.18 6.77
CA PHE A 89 19.29 -0.09 5.44
C PHE A 89 20.28 -0.37 4.31
N HIS A 90 21.57 -0.40 4.60
CA HIS A 90 22.56 -0.69 3.57
C HIS A 90 23.79 -1.26 4.26
N ARG A 91 24.50 -2.14 3.55
CA ARG A 91 25.67 -2.81 4.10
C ARG A 91 26.67 -1.83 4.72
N LEU A 92 26.83 -0.65 4.12
CA LEU A 92 27.84 0.31 4.55
C LEU A 92 27.28 1.47 5.37
N PHE A 93 26.00 1.42 5.73
CA PHE A 93 25.39 2.40 6.61
C PHE A 93 25.64 2.01 8.07
N PRO A 94 25.62 2.98 8.98
CA PRO A 94 25.40 2.63 10.40
C PRO A 94 23.96 2.17 10.61
N PRO A 95 23.64 1.59 11.76
CA PRO A 95 22.24 1.27 12.03
C PRO A 95 21.39 2.53 12.12
N THR A 96 20.14 2.39 11.69
CA THR A 96 19.13 3.45 11.74
C THR A 96 18.08 3.06 12.78
N THR A 97 17.69 3.99 13.65
CA THR A 97 16.58 3.69 14.56
C THR A 97 15.26 3.75 13.79
N VAL A 98 14.47 2.67 13.91
CA VAL A 98 13.18 2.52 13.25
C VAL A 98 12.16 1.98 14.24
N TRP A 99 10.91 1.94 13.79
CA TRP A 99 9.81 1.31 14.51
C TRP A 99 9.39 0.08 13.70
N GLY A 100 9.43 -1.08 14.32
CA GLY A 100 9.12 -2.33 13.62
C GLY A 100 8.13 -3.19 14.37
N TYR A 101 7.19 -3.78 13.63
CA TYR A 101 6.38 -4.85 14.18
C TYR A 101 7.27 -6.04 14.53
N ASP A 102 7.19 -6.50 15.78
CA ASP A 102 8.08 -7.52 16.31
C ASP A 102 9.54 -7.11 16.15
N GLY A 103 9.80 -5.79 16.17
CA GLY A 103 11.17 -5.31 16.10
C GLY A 103 11.88 -5.62 14.80
N MET A 104 11.16 -5.72 13.68
CA MET A 104 11.81 -5.98 12.40
C MET A 104 11.14 -5.17 11.30
N LEU A 105 11.91 -4.91 10.24
CA LEU A 105 11.49 -4.06 9.14
C LEU A 105 11.89 -4.79 7.87
N PRO A 106 10.94 -5.14 7.00
CA PRO A 106 9.48 -5.10 7.21
C PRO A 106 9.07 -5.97 8.37
N GLY A 107 7.84 -5.77 8.84
CA GLY A 107 7.26 -6.63 9.84
C GLY A 107 7.18 -8.05 9.34
N PRO A 108 6.97 -9.01 10.24
CA PRO A 108 6.90 -10.42 9.81
C PRO A 108 5.71 -10.64 8.89
N THR A 109 5.87 -11.58 7.95
CA THR A 109 4.78 -11.91 7.05
C THR A 109 3.80 -12.83 7.77
N ILE A 110 2.52 -12.45 7.80
CA ILE A 110 1.49 -13.33 8.34
C ILE A 110 0.88 -14.12 7.20
N LYS A 111 0.76 -15.44 7.37
CA LYS A 111 0.18 -16.31 6.36
C LYS A 111 -1.04 -17.02 6.91
N VAL A 112 -2.15 -16.93 6.17
CA VAL A 112 -3.39 -17.59 6.55
C VAL A 112 -3.99 -18.25 5.33
N GLN A 113 -4.93 -19.16 5.58
CA GLN A 113 -5.74 -19.71 4.51
C GLN A 113 -7.03 -18.91 4.37
N LYS A 114 -7.60 -18.94 3.16
CA LYS A 114 -8.93 -18.39 2.99
C LYS A 114 -9.87 -19.03 4.00
N ASP A 115 -10.67 -18.19 4.66
CA ASP A 115 -11.69 -18.59 5.63
C ASP A 115 -11.10 -19.07 6.97
N GLU A 116 -9.80 -18.95 7.18
CA GLU A 116 -9.18 -19.35 8.44
C GLU A 116 -9.19 -18.16 9.38
N LYS A 117 -9.98 -18.25 10.46
CA LYS A 117 -10.07 -17.16 11.40
C LYS A 117 -8.84 -17.15 12.30
N ILE A 118 -8.24 -15.97 12.48
CA ILE A 118 -7.08 -15.79 13.34
C ILE A 118 -7.32 -14.60 14.26
N TYR A 119 -6.58 -14.57 15.36
CA TYR A 119 -6.62 -13.46 16.31
C TYR A 119 -5.24 -12.83 16.40
N VAL A 120 -5.18 -11.51 16.43
CA VAL A 120 -3.90 -10.80 16.55
C VAL A 120 -4.02 -9.73 17.63
N ARG A 121 -3.20 -9.85 18.67
CA ARG A 121 -3.06 -8.79 19.67
C ARG A 121 -1.92 -7.87 19.19
N TRP A 122 -2.26 -6.71 18.63
CA TRP A 122 -1.28 -5.72 18.19
C TRP A 122 -0.96 -4.83 19.40
N LYS A 123 0.31 -4.76 19.77
CA LYS A 123 0.71 -4.06 20.99
C LYS A 123 1.58 -2.87 20.64
N ASN A 124 1.30 -1.73 21.27
CA ASN A 124 2.18 -0.57 21.20
C ASN A 124 3.19 -0.69 22.35
N LYS A 125 4.43 -1.01 22.01
CA LYS A 125 5.54 -1.09 22.96
C LYS A 125 6.60 -0.07 22.58
N LEU A 126 6.18 1.03 21.99
CA LEU A 126 7.04 2.10 21.51
C LEU A 126 7.34 3.12 22.62
N PRO A 127 8.36 3.96 22.42
CA PRO A 127 8.63 5.03 23.39
C PRO A 127 7.54 6.09 23.37
N GLU A 128 7.66 7.02 24.33
CA GLU A 128 6.66 8.07 24.49
C GLU A 128 6.82 9.20 23.48
N LYS A 129 7.99 9.36 22.90
CA LYS A 129 8.25 10.44 21.95
C LYS A 129 8.41 9.86 20.56
N HIS A 130 7.91 10.59 19.57
CA HIS A 130 7.99 10.14 18.19
C HIS A 130 9.41 10.27 17.63
N LEU A 131 9.72 9.42 16.65
CA LEU A 131 10.96 9.55 15.88
C LEU A 131 10.94 10.78 14.97
N LEU A 132 9.77 11.18 14.47
CA LEU A 132 9.68 12.13 13.39
C LEU A 132 8.92 13.39 13.80
N PRO A 133 9.05 14.49 13.05
CA PRO A 133 8.36 15.75 13.45
C PRO A 133 6.84 15.67 13.34
N ILE A 134 6.16 16.10 14.39
CA ILE A 134 4.70 16.08 14.44
C ILE A 134 4.16 17.48 14.18
N ASP A 135 3.25 17.59 13.20
CA ASP A 135 2.48 18.83 12.99
C ASP A 135 1.31 18.79 13.96
N ARG A 136 1.28 19.76 14.87
CA ARG A 136 0.30 19.80 15.94
C ARG A 136 -1.00 20.50 15.56
N THR A 137 -1.19 20.80 14.27
CA THR A 137 -2.44 21.38 13.79
C THR A 137 -3.38 20.34 13.18
N LEU A 138 -2.97 19.07 13.18
CA LEU A 138 -3.72 17.98 12.54
C LEU A 138 -4.58 17.26 13.59
N HIS A 139 -5.27 16.20 13.17
CA HIS A 139 -6.17 15.51 14.09
C HIS A 139 -5.39 14.82 15.21
N GLU A 140 -5.76 15.12 16.46
CA GLU A 140 -5.27 14.42 17.64
C GLU A 140 -3.78 14.63 17.91
N THR A 141 -3.22 15.77 17.48
CA THR A 141 -1.80 16.02 17.65
C THR A 141 -1.49 17.26 18.48
N ALA A 142 -2.48 17.87 19.12
CA ALA A 142 -2.22 19.08 19.90
C ALA A 142 -1.28 18.83 21.08
N GLY A 143 -1.35 17.66 21.70
CA GLY A 143 -0.53 17.36 22.86
C GLY A 143 -0.39 15.86 23.07
N PRO A 144 0.01 15.46 24.28
CA PRO A 144 0.28 14.04 24.51
C PRO A 144 -1.02 13.25 24.58
N PRO A 145 -1.00 11.97 24.23
CA PRO A 145 0.16 11.17 23.79
C PRO A 145 0.51 11.42 22.34
N ASP A 146 1.82 11.53 22.06
CA ASP A 146 2.28 11.69 20.68
C ASP A 146 2.29 10.38 19.92
N VAL A 147 2.58 9.26 20.58
CA VAL A 147 2.81 7.99 19.89
C VAL A 147 1.53 7.16 20.03
N ARG A 148 0.69 7.28 19.02
CA ARG A 148 -0.58 6.57 18.93
C ARG A 148 -0.54 5.67 17.72
N THR A 149 -1.04 4.43 17.87
CA THR A 149 -0.91 3.45 16.80
C THR A 149 -2.23 2.71 16.63
N VAL A 150 -2.48 2.25 15.39
CA VAL A 150 -3.57 1.29 15.11
C VAL A 150 -3.21 0.58 13.82
N VAL A 151 -3.53 -0.71 13.71
CA VAL A 151 -3.08 -1.48 12.56
C VAL A 151 -4.26 -1.76 11.65
N HIS A 152 -4.14 -1.35 10.38
CA HIS A 152 -5.12 -1.65 9.33
C HIS A 152 -4.57 -2.77 8.46
N LEU A 153 -5.40 -3.80 8.25
CA LEU A 153 -5.07 -4.87 7.30
C LEU A 153 -5.66 -4.43 5.96
N HIS A 154 -4.81 -3.93 5.10
CA HIS A 154 -5.22 -3.30 3.86
C HIS A 154 -5.76 -4.34 2.90
N GLY A 155 -7.01 -4.16 2.50
CA GLY A 155 -7.72 -5.09 1.64
C GLY A 155 -8.60 -6.09 2.36
N ALA A 156 -8.64 -6.04 3.69
CA ALA A 156 -9.37 -7.08 4.40
C ALA A 156 -10.88 -6.92 4.28
N ASN A 157 -11.56 -8.02 4.03
CA ASN A 157 -12.99 -8.12 4.30
C ASN A 157 -13.09 -8.48 5.77
N VAL A 158 -13.36 -7.48 6.61
CA VAL A 158 -13.31 -7.69 8.05
C VAL A 158 -14.31 -6.76 8.73
N ALA A 159 -14.88 -7.24 9.83
CA ALA A 159 -15.74 -6.42 10.67
C ALA A 159 -15.01 -5.16 11.09
N TRP A 160 -15.78 -4.07 11.23
CA TRP A 160 -15.20 -2.73 11.32
C TRP A 160 -14.30 -2.55 12.54
N ASP A 161 -14.59 -3.25 13.63
CA ASP A 161 -13.83 -3.08 14.87
C ASP A 161 -12.49 -3.81 14.85
N SER A 162 -12.18 -4.54 13.77
CA SER A 162 -10.85 -5.08 13.54
C SER A 162 -10.25 -4.51 12.27
N ASP A 163 -10.83 -3.46 11.70
CA ASP A 163 -10.31 -2.83 10.48
C ASP A 163 -9.20 -1.83 10.75
N GLY A 164 -8.94 -1.47 12.01
CA GLY A 164 -7.94 -0.46 12.27
C GLY A 164 -8.42 0.94 11.94
N HIS A 165 -9.65 1.25 12.36
CA HIS A 165 -10.22 2.57 12.14
C HIS A 165 -9.25 3.65 12.65
N PRO A 166 -9.10 4.77 11.94
CA PRO A 166 -8.07 5.75 12.34
C PRO A 166 -8.28 6.33 13.72
N GLU A 167 -9.52 6.30 14.25
CA GLU A 167 -9.79 6.82 15.60
C GLU A 167 -9.81 5.71 16.63
N ALA A 168 -9.37 4.51 16.26
CA ALA A 168 -9.29 3.36 17.17
C ALA A 168 -7.87 3.15 17.68
N TRP A 169 -7.04 4.20 17.62
CA TRP A 169 -5.65 4.12 18.00
C TRP A 169 -5.50 3.94 19.52
N PHE A 170 -4.28 3.60 19.91
CA PHE A 170 -3.93 3.40 21.32
C PHE A 170 -2.48 3.82 21.51
N SER A 171 -2.21 4.38 22.70
CA SER A 171 -0.86 4.69 23.13
C SER A 171 -0.24 3.46 23.77
N ARG A 172 0.93 3.62 24.39
CA ARG A 172 1.65 2.48 24.94
C ARG A 172 0.76 1.70 25.91
N ASP A 173 0.68 0.38 25.69
CA ASP A 173 -0.04 -0.52 26.58
C ASP A 173 -1.52 -0.12 26.73
N PHE A 174 -2.08 0.50 25.68
CA PHE A 174 -3.49 0.90 25.69
C PHE A 174 -3.81 1.93 26.77
N ALA A 175 -2.81 2.73 27.20
CA ALA A 175 -3.06 3.65 28.30
C ALA A 175 -4.08 4.72 27.94
N LYS A 176 -4.04 5.19 26.69
CA LYS A 176 -5.04 6.10 26.16
C LYS A 176 -5.48 5.55 24.81
N THR A 177 -6.79 5.68 24.53
CA THR A 177 -7.35 5.12 23.31
C THR A 177 -8.26 6.14 22.65
N GLY A 178 -8.37 6.05 21.32
CA GLY A 178 -9.27 6.91 20.57
C GLY A 178 -10.75 6.49 20.69
N ALA A 179 -11.62 7.37 20.15
CA ALA A 179 -13.06 7.25 20.34
C ALA A 179 -13.64 5.95 19.77
N THR A 180 -13.09 5.41 18.69
CA THR A 180 -13.66 4.20 18.10
C THR A 180 -12.95 2.92 18.56
N PHE A 181 -12.05 3.03 19.54
CA PHE A 181 -11.36 1.85 20.04
C PHE A 181 -12.36 0.83 20.59
N ARG A 182 -12.17 -0.43 20.21
CA ARG A 182 -13.05 -1.50 20.67
C ARG A 182 -12.35 -2.77 21.17
N ARG A 183 -11.29 -3.19 20.49
CA ARG A 183 -10.71 -4.52 20.71
C ARG A 183 -9.22 -4.40 20.86
N LYS A 184 -8.68 -4.93 21.96
CA LYS A 184 -7.22 -5.11 22.03
C LYS A 184 -6.77 -6.23 21.11
N VAL A 185 -7.56 -7.30 21.04
CA VAL A 185 -7.25 -8.46 20.20
C VAL A 185 -8.18 -8.39 18.99
N TYR A 186 -7.59 -8.18 17.81
CA TYR A 186 -8.33 -8.15 16.56
C TYR A 186 -8.65 -9.57 16.10
N GLU A 187 -9.71 -9.68 15.30
CA GLU A 187 -10.13 -10.96 14.73
C GLU A 187 -10.22 -10.81 13.22
N TYR A 188 -9.44 -11.61 12.50
CA TYR A 188 -9.47 -11.61 11.04
C TYR A 188 -10.15 -12.89 10.59
N THR A 189 -11.30 -12.75 9.94
CA THR A 189 -12.09 -13.90 9.49
C THR A 189 -11.69 -14.40 8.10
N ASN A 190 -11.08 -13.53 7.27
CA ASN A 190 -10.43 -13.93 6.02
C ASN A 190 -11.37 -14.57 5.01
N LYS A 191 -12.64 -14.15 4.98
CA LYS A 191 -13.62 -14.71 4.03
C LYS A 191 -13.56 -13.89 2.75
N GLN A 192 -12.53 -14.17 1.95
CA GLN A 192 -12.30 -13.44 0.71
C GLN A 192 -11.36 -14.26 -0.15
N MET A 193 -11.28 -13.90 -1.43
CA MET A 193 -10.36 -14.57 -2.35
C MET A 193 -8.94 -14.47 -1.84
N GLY A 194 -8.14 -15.49 -2.10
CA GLY A 194 -6.73 -15.41 -1.76
C GLY A 194 -6.08 -14.19 -2.40
N ALA A 195 -5.15 -13.57 -1.66
CA ALA A 195 -4.59 -12.31 -2.12
C ALA A 195 -3.33 -12.01 -1.33
N THR A 196 -2.50 -11.13 -1.91
CA THR A 196 -1.43 -10.46 -1.19
C THR A 196 -1.98 -9.18 -0.58
N LEU A 197 -2.18 -9.19 0.73
CA LEU A 197 -2.53 -7.99 1.47
C LEU A 197 -1.30 -7.46 2.20
N TRP A 198 -1.49 -6.36 2.91
CA TRP A 198 -0.39 -5.87 3.74
C TRP A 198 -1.03 -5.15 4.90
N TYR A 199 -0.30 -5.06 6.02
CA TYR A 199 -0.79 -4.41 7.21
C TYR A 199 0.11 -3.23 7.51
N HIS A 200 -0.47 -2.16 8.06
CA HIS A 200 0.32 -0.96 8.34
C HIS A 200 -0.43 -0.07 9.32
N ASP A 201 0.31 0.89 9.87
CA ASP A 201 -0.33 1.78 10.82
C ASP A 201 -1.30 2.72 10.12
N HIS A 202 -2.34 3.14 10.87
CA HIS A 202 -3.39 3.99 10.33
C HIS A 202 -3.86 5.02 11.36
N ALA A 203 -3.03 5.38 12.34
CA ALA A 203 -3.50 6.29 13.39
C ALA A 203 -3.77 7.69 12.86
N ILE A 204 -4.92 8.27 13.24
CA ILE A 204 -5.32 9.53 12.65
C ILE A 204 -4.29 10.61 12.98
N GLY A 205 -4.01 11.45 11.98
CA GLY A 205 -3.14 12.61 12.14
C GLY A 205 -1.65 12.34 11.94
N ILE A 206 -1.21 11.09 12.03
CA ILE A 206 0.20 10.76 12.02
C ILE A 206 0.49 9.51 11.20
N THR A 207 -0.45 9.10 10.35
CA THR A 207 -0.26 7.86 9.60
C THR A 207 1.01 7.96 8.75
N ARG A 208 1.24 9.11 8.13
CA ARG A 208 2.44 9.26 7.28
C ARG A 208 3.72 9.04 8.08
N LEU A 209 3.72 9.44 9.35
CA LEU A 209 4.93 9.31 10.18
C LEU A 209 5.10 7.88 10.65
N ASN A 210 4.00 7.23 11.04
CA ASN A 210 4.12 5.89 11.59
C ASN A 210 4.49 4.88 10.51
N VAL A 211 3.92 5.02 9.31
CA VAL A 211 4.34 4.15 8.21
C VAL A 211 5.79 4.45 7.80
N TYR A 212 6.16 5.73 7.66
CA TYR A 212 7.55 6.01 7.27
C TYR A 212 8.54 5.45 8.29
N SER A 213 8.17 5.47 9.57
CA SER A 213 9.08 4.96 10.61
C SER A 213 9.33 3.47 10.53
N GLY A 214 8.51 2.72 9.78
CA GLY A 214 8.77 1.32 9.54
C GLY A 214 7.59 0.38 9.77
N LEU A 215 6.42 0.90 10.14
CA LEU A 215 5.32 0.03 10.56
C LEU A 215 4.47 -0.45 9.35
N SER A 216 4.97 -1.49 8.67
CA SER A 216 4.22 -2.17 7.60
C SER A 216 4.79 -3.59 7.46
N GLY A 217 3.96 -4.50 6.96
CA GLY A 217 4.39 -5.87 6.70
C GLY A 217 3.40 -6.53 5.75
N PHE A 218 3.74 -7.74 5.31
CA PHE A 218 2.87 -8.46 4.38
C PHE A 218 1.92 -9.41 5.11
N TYR A 219 0.76 -9.65 4.48
CA TYR A 219 -0.23 -10.58 5.03
C TYR A 219 -0.79 -11.33 3.83
N LEU A 220 -0.60 -12.64 3.78
CA LEU A 220 -0.91 -13.43 2.60
C LEU A 220 -2.06 -14.37 2.90
N ILE A 221 -3.12 -14.30 2.10
CA ILE A 221 -4.25 -15.22 2.20
C ILE A 221 -4.11 -16.22 1.06
N GLU A 222 -3.93 -17.50 1.38
CA GLU A 222 -3.78 -18.51 0.35
C GLU A 222 -5.14 -18.94 -0.17
N ASP A 223 -5.32 -18.90 -1.50
CA ASP A 223 -6.59 -19.35 -2.07
C ASP A 223 -6.61 -20.87 -2.19
N PRO A 224 -7.77 -21.51 -1.99
CA PRO A 224 -7.84 -22.97 -2.11
C PRO A 224 -7.45 -23.49 -3.48
N VAL A 225 -7.55 -22.65 -4.51
CA VAL A 225 -7.20 -23.08 -5.86
C VAL A 225 -5.71 -23.38 -5.98
N GLU A 226 -4.88 -22.73 -5.18
CA GLU A 226 -3.44 -22.80 -5.40
C GLU A 226 -2.90 -24.21 -5.13
N LYS A 227 -3.53 -24.97 -4.23
CA LYS A 227 -3.08 -26.32 -3.95
C LYS A 227 -3.08 -27.19 -5.19
N HIS A 228 -3.89 -26.86 -6.19
CA HIS A 228 -3.96 -27.68 -7.40
C HIS A 228 -3.43 -26.96 -8.64
N LEU A 229 -2.82 -25.80 -8.45
CA LEU A 229 -2.01 -25.15 -9.47
C LEU A 229 -0.54 -25.46 -9.17
N LYS A 230 0.33 -25.05 -10.08
CA LYS A 230 1.76 -25.29 -9.92
C LYS A 230 2.51 -23.96 -10.00
N LEU A 231 2.01 -22.96 -9.28
CA LEU A 231 2.70 -21.68 -9.24
C LEU A 231 4.02 -21.84 -8.48
N PRO A 232 5.03 -21.03 -8.78
CA PRO A 232 6.26 -21.09 -7.97
C PRO A 232 5.92 -20.85 -6.51
N LYS A 233 6.54 -21.64 -5.63
CA LYS A 233 6.17 -21.63 -4.23
C LYS A 233 7.42 -21.69 -3.35
N ASP A 234 7.18 -21.55 -2.04
CA ASP A 234 8.21 -21.70 -1.01
C ASP A 234 9.31 -20.68 -1.26
N GLY A 235 10.57 -21.06 -1.43
CA GLY A 235 11.63 -20.09 -1.64
C GLY A 235 11.60 -19.40 -2.97
N TYR A 236 10.73 -19.85 -3.89
CA TYR A 236 10.55 -19.22 -5.19
C TYR A 236 9.33 -18.32 -5.22
N ASP A 237 8.76 -18.00 -4.06
CA ASP A 237 7.63 -17.09 -3.89
C ASP A 237 8.10 -16.01 -2.92
N ILE A 238 8.41 -14.83 -3.45
CA ILE A 238 9.19 -13.83 -2.74
C ILE A 238 8.43 -12.51 -2.72
N PRO A 239 8.20 -11.90 -1.55
CA PRO A 239 7.53 -10.60 -1.51
C PRO A 239 8.56 -9.50 -1.70
N LEU A 240 8.14 -8.44 -2.38
CA LEU A 240 8.97 -7.25 -2.63
C LEU A 240 8.22 -6.01 -2.16
N MET A 241 8.61 -5.46 -1.01
CA MET A 241 8.04 -4.20 -0.51
C MET A 241 8.95 -3.06 -0.96
N ILE A 242 8.48 -2.24 -1.91
CA ILE A 242 9.27 -1.14 -2.47
C ILE A 242 8.91 0.15 -1.75
N GLN A 243 9.92 0.89 -1.24
CA GLN A 243 9.69 2.13 -0.52
C GLN A 243 10.82 3.10 -0.78
N ASP A 244 10.50 4.38 -0.92
CA ASP A 244 11.56 5.38 -1.04
C ASP A 244 11.84 6.01 0.33
N ARG A 245 13.11 6.34 0.57
CA ARG A 245 13.52 6.82 1.87
C ARG A 245 14.62 7.85 1.69
N SER A 246 14.75 8.70 2.69
CA SER A 246 15.88 9.61 2.78
C SER A 246 16.45 9.58 4.19
N PHE A 247 17.74 9.93 4.30
CA PHE A 247 18.47 9.77 5.55
C PHE A 247 19.29 11.01 5.84
N ARG A 248 19.53 11.26 7.13
CA ARG A 248 20.51 12.25 7.52
C ARG A 248 21.91 11.64 7.44
N SER A 249 22.94 12.49 7.51
CA SER A 249 24.31 12.03 7.43
C SER A 249 24.69 11.03 8.53
N ASP A 250 23.98 11.02 9.66
CA ASP A 250 24.25 10.07 10.73
C ASP A 250 23.44 8.79 10.59
N GLY A 251 22.76 8.62 9.47
CA GLY A 251 21.97 7.44 9.21
C GLY A 251 20.55 7.49 9.73
N SER A 252 20.17 8.53 10.47
CA SER A 252 18.81 8.58 10.97
C SER A 252 17.82 8.81 9.83
N LEU A 253 16.60 8.32 10.02
CA LEU A 253 15.55 8.58 9.03
C LEU A 253 15.30 10.08 8.93
N SER A 254 15.27 10.58 7.70
CA SER A 254 15.00 11.99 7.45
C SER A 254 13.59 12.15 6.92
N TYR A 255 12.80 13.00 7.58
CA TYR A 255 11.44 13.28 7.13
C TYR A 255 11.28 14.79 7.33
N PRO A 256 10.60 15.49 6.42
CA PRO A 256 10.60 16.97 6.48
C PRO A 256 10.01 17.54 7.76
N GLU A 257 10.63 18.62 8.26
CA GLU A 257 10.05 19.37 9.35
C GLU A 257 8.99 20.35 8.86
N ASN A 258 9.02 20.69 7.57
CA ASN A 258 8.19 21.78 7.03
C ASN A 258 8.42 21.73 5.52
N THR A 259 7.64 22.51 4.79
CA THR A 259 7.83 22.67 3.36
C THR A 259 9.01 23.61 3.08
N ASN A 260 9.40 23.66 1.81
CA ASN A 260 10.39 24.63 1.34
C ASN A 260 9.82 25.30 0.11
N PRO A 261 9.46 26.59 0.18
CA PRO A 261 9.55 27.49 1.34
C PRO A 261 8.61 27.09 2.47
N PRO A 262 8.96 27.45 3.70
CA PRO A 262 8.25 26.93 4.87
C PRO A 262 6.92 27.62 5.13
N ALA A 263 5.98 26.84 5.65
CA ALA A 263 4.76 27.38 6.20
C ALA A 263 5.09 28.03 7.54
N PRO A 264 4.22 28.92 8.03
CA PRO A 264 4.44 29.52 9.35
C PRO A 264 4.22 28.56 10.51
N VAL A 265 3.61 27.42 10.25
CA VAL A 265 3.41 26.36 11.25
C VAL A 265 4.70 25.56 11.35
N ASN A 266 5.14 25.28 12.57
CA ASN A 266 6.36 24.48 12.76
C ASN A 266 6.19 23.44 13.86
N PRO A 267 6.49 22.15 13.60
CA PRO A 267 6.66 21.54 12.28
C PRO A 267 5.36 21.61 11.49
N SER A 268 5.43 21.46 10.17
CA SER A 268 4.26 21.45 9.31
C SER A 268 4.27 20.23 8.40
N VAL A 269 3.08 19.66 8.20
CA VAL A 269 2.87 18.71 7.12
C VAL A 269 3.31 19.31 5.79
N GLN A 270 3.79 18.46 4.88
CA GLN A 270 4.06 18.77 3.50
C GLN A 270 3.22 17.83 2.67
N PRO A 271 2.55 18.29 1.60
CA PRO A 271 1.61 17.40 0.89
C PRO A 271 2.27 16.44 -0.09
N PHE A 272 3.45 15.91 0.25
CA PHE A 272 4.13 14.87 -0.50
C PHE A 272 5.41 14.55 0.25
N PHE A 273 5.93 13.35 0.00
CA PHE A 273 7.29 13.03 0.40
C PHE A 273 7.90 12.19 -0.71
N ILE A 274 9.01 12.66 -1.26
CA ILE A 274 9.77 11.93 -2.26
C ILE A 274 11.17 11.70 -1.70
N GLY A 275 11.53 10.43 -1.51
CA GLY A 275 12.86 10.10 -0.99
C GLY A 275 13.94 10.19 -2.05
N ASN A 276 15.19 10.01 -1.62
CA ASN A 276 16.30 10.03 -2.57
C ASN A 276 17.01 8.69 -2.69
N THR A 277 16.45 7.65 -2.08
CA THR A 277 16.89 6.28 -2.27
C THR A 277 15.64 5.42 -2.40
N ILE A 278 15.80 4.26 -3.03
CA ILE A 278 14.75 3.24 -3.05
C ILE A 278 15.25 2.01 -2.33
N ALA A 279 14.44 1.50 -1.43
CA ALA A 279 14.70 0.27 -0.70
C ALA A 279 13.67 -0.78 -1.08
N VAL A 280 14.08 -2.05 -1.10
CA VAL A 280 13.17 -3.17 -1.21
C VAL A 280 13.39 -4.04 0.01
N ASN A 281 12.30 -4.37 0.71
CA ASN A 281 12.40 -5.15 1.95
C ASN A 281 13.46 -4.58 2.90
N GLY A 282 13.50 -3.25 2.99
CA GLY A 282 14.35 -2.62 3.97
C GLY A 282 15.81 -2.51 3.61
N LYS A 283 16.19 -2.78 2.35
CA LYS A 283 17.57 -2.62 1.91
C LYS A 283 17.62 -1.74 0.67
N ILE A 284 18.51 -0.75 0.68
CA ILE A 284 18.63 0.21 -0.42
C ILE A 284 19.25 -0.46 -1.63
N TRP A 285 18.60 -0.30 -2.79
CA TRP A 285 19.09 -0.73 -4.09
C TRP A 285 19.74 -2.13 -4.01
N PRO A 286 18.99 -3.14 -3.60
CA PRO A 286 19.58 -4.46 -3.37
C PRO A 286 19.66 -5.29 -4.65
N LYS A 287 20.35 -6.43 -4.52
CA LYS A 287 20.36 -7.46 -5.55
C LYS A 287 19.70 -8.71 -4.99
N LEU A 288 19.15 -9.51 -5.88
CA LEU A 288 18.61 -10.82 -5.52
C LEU A 288 19.25 -11.84 -6.43
N THR A 289 19.93 -12.82 -5.84
CA THR A 289 20.58 -13.86 -6.62
C THR A 289 19.58 -14.98 -6.85
N VAL A 290 19.31 -15.27 -8.12
CA VAL A 290 18.25 -16.20 -8.51
C VAL A 290 18.82 -17.29 -9.40
N GLU A 291 18.10 -18.42 -9.39
CA GLU A 291 18.31 -19.52 -10.33
C GLU A 291 17.62 -19.23 -11.65
N PRO A 292 18.05 -19.86 -12.74
CA PRO A 292 17.43 -19.66 -14.07
C PRO A 292 16.16 -20.48 -14.22
N ARG A 293 15.11 -20.01 -13.56
CA ARG A 293 13.82 -20.68 -13.50
C ARG A 293 12.77 -19.63 -13.13
N LYS A 294 11.55 -20.09 -12.88
CA LYS A 294 10.43 -19.18 -12.64
C LYS A 294 10.26 -18.90 -11.16
N TYR A 295 9.97 -17.65 -10.86
CA TYR A 295 9.71 -17.17 -9.52
C TYR A 295 8.40 -16.41 -9.53
N ARG A 296 7.71 -16.42 -8.39
CA ARG A 296 6.57 -15.56 -8.13
C ARG A 296 7.06 -14.44 -7.24
N PHE A 297 6.78 -13.20 -7.65
CA PHE A 297 7.11 -12.05 -6.83
C PHE A 297 5.83 -11.33 -6.46
N ARG A 298 5.70 -10.99 -5.19
CA ARG A 298 4.52 -10.28 -4.68
C ARG A 298 4.93 -8.84 -4.48
N ILE A 299 4.60 -7.98 -5.44
CA ILE A 299 5.19 -6.64 -5.51
C ILE A 299 4.24 -5.62 -4.91
N LEU A 300 4.72 -4.89 -3.91
CA LEU A 300 3.92 -3.91 -3.20
C LEU A 300 4.64 -2.59 -3.19
N ASN A 301 3.95 -1.51 -3.54
CA ASN A 301 4.47 -0.16 -3.30
C ASN A 301 3.97 0.28 -1.93
N ALA A 302 4.87 0.32 -0.95
CA ALA A 302 4.52 0.77 0.39
C ALA A 302 5.13 2.14 0.71
N SER A 303 5.35 2.95 -0.32
CA SER A 303 5.88 4.30 -0.18
C SER A 303 4.79 5.23 0.33
N ASN A 304 5.23 6.34 0.94
CA ASN A 304 4.27 7.31 1.43
C ASN A 304 3.54 8.01 0.28
N THR A 305 4.28 8.44 -0.76
CA THR A 305 3.73 9.22 -1.89
C THR A 305 4.14 8.65 -3.24
N ASN A 306 5.38 8.19 -3.38
CA ASN A 306 5.98 7.97 -4.68
C ASN A 306 5.34 6.78 -5.42
N ALA A 307 5.21 6.93 -6.73
CA ALA A 307 4.73 5.87 -7.58
C ALA A 307 5.85 5.39 -8.50
N TYR A 308 5.80 4.11 -8.89
CA TYR A 308 6.86 3.53 -9.72
C TYR A 308 6.23 2.91 -10.95
N THR A 309 6.99 2.87 -12.04
CA THR A 309 6.61 2.04 -13.18
C THR A 309 7.71 1.01 -13.41
N LEU A 310 7.41 -0.25 -13.09
CA LEU A 310 8.43 -1.29 -13.14
C LEU A 310 8.67 -1.76 -14.57
N ARG A 311 9.94 -1.97 -14.88
CA ARG A 311 10.37 -2.56 -16.15
C ARG A 311 11.53 -3.49 -15.86
N LEU A 312 11.53 -4.67 -16.47
CA LEU A 312 12.51 -5.72 -16.17
C LEU A 312 13.53 -5.78 -17.30
N GLY A 313 14.78 -5.40 -17.01
CA GLY A 313 15.80 -5.45 -18.06
C GLY A 313 15.37 -4.63 -19.27
N ASP A 314 15.67 -5.15 -20.48
CA ASP A 314 15.28 -4.48 -21.72
C ASP A 314 13.84 -4.81 -22.13
N GLY A 315 12.92 -4.40 -21.26
CA GLY A 315 11.51 -4.62 -21.54
C GLY A 315 11.15 -6.09 -21.65
N ARG A 316 11.74 -6.92 -20.80
CA ARG A 316 11.46 -8.35 -20.80
C ARG A 316 10.05 -8.60 -20.27
N LYS A 317 9.43 -9.66 -20.78
CA LYS A 317 8.08 -10.01 -20.41
C LYS A 317 8.04 -10.66 -19.03
N PHE A 318 6.95 -10.40 -18.31
CA PHE A 318 6.62 -11.11 -17.09
C PHE A 318 5.10 -11.27 -17.04
N TYR A 319 4.62 -12.10 -16.11
CA TYR A 319 3.23 -12.58 -16.19
C TYR A 319 2.48 -12.24 -14.92
N GLN A 320 1.55 -11.29 -15.02
CA GLN A 320 0.76 -10.91 -13.86
C GLN A 320 -0.24 -12.01 -13.54
N ILE A 321 -0.33 -12.37 -12.26
CA ILE A 321 -1.30 -13.35 -11.80
C ILE A 321 -2.28 -12.79 -10.79
N SER A 322 -2.01 -11.62 -10.21
CA SER A 322 -2.98 -11.05 -9.28
C SER A 322 -2.83 -9.55 -9.23
N THR A 323 -3.92 -8.88 -8.85
CA THR A 323 -3.99 -7.48 -8.46
C THR A 323 -4.32 -7.43 -6.97
N ASP A 324 -4.58 -6.22 -6.45
CA ASP A 324 -4.75 -6.03 -5.00
C ASP A 324 -5.62 -7.10 -4.37
N GLY A 325 -6.77 -7.39 -4.99
CA GLY A 325 -7.79 -8.21 -4.39
C GLY A 325 -7.73 -9.67 -4.66
N GLY A 326 -6.89 -10.14 -5.55
CA GLY A 326 -6.79 -11.57 -5.75
C GLY A 326 -6.42 -11.95 -7.17
N LEU A 327 -6.52 -13.25 -7.41
CA LEU A 327 -6.03 -13.82 -8.65
C LEU A 327 -6.89 -13.39 -9.83
N LEU A 328 -6.23 -13.23 -10.98
CA LEU A 328 -6.91 -12.94 -12.24
C LEU A 328 -7.54 -14.20 -12.82
N THR A 329 -8.33 -14.01 -13.87
CA THR A 329 -8.87 -15.19 -14.55
C THR A 329 -7.77 -16.02 -15.19
N GLU A 330 -6.75 -15.35 -15.71
CA GLU A 330 -5.66 -15.99 -16.42
C GLU A 330 -4.46 -15.04 -16.39
N PRO A 331 -3.25 -15.57 -16.50
CA PRO A 331 -2.08 -14.68 -16.46
C PRO A 331 -2.10 -13.68 -17.62
N VAL A 332 -1.57 -12.49 -17.35
CA VAL A 332 -1.52 -11.40 -18.31
C VAL A 332 -0.05 -11.08 -18.60
N GLU A 333 0.34 -11.14 -19.87
CA GLU A 333 1.69 -10.74 -20.26
C GLU A 333 1.86 -9.24 -20.11
N LEU A 334 2.86 -8.82 -19.34
CA LEU A 334 3.19 -7.42 -19.16
C LEU A 334 4.65 -7.17 -19.52
N THR A 335 4.95 -5.95 -19.97
CA THR A 335 6.32 -5.46 -20.00
C THR A 335 6.54 -4.24 -19.11
N THR A 336 5.48 -3.67 -18.54
CA THR A 336 5.58 -2.57 -17.60
CA THR A 336 5.59 -2.58 -17.58
C THR A 336 4.52 -2.76 -16.52
N LEU A 337 4.82 -2.33 -15.30
CA LEU A 337 3.87 -2.43 -14.21
C LEU A 337 3.86 -1.16 -13.35
N PRO A 338 2.94 -0.23 -13.62
CA PRO A 338 2.79 0.93 -12.72
C PRO A 338 2.13 0.57 -11.39
N LEU A 339 2.68 1.12 -10.30
CA LEU A 339 2.15 0.90 -8.95
C LEU A 339 2.21 2.20 -8.17
N GLU A 340 1.04 2.70 -7.78
CA GLU A 340 0.92 3.81 -6.84
C GLU A 340 1.07 3.28 -5.41
N PRO A 341 1.25 4.15 -4.43
CA PRO A 341 1.20 3.70 -3.03
C PRO A 341 -0.01 2.83 -2.76
N ALA A 342 0.24 1.71 -2.10
CA ALA A 342 -0.67 0.68 -1.62
C ALA A 342 -1.12 -0.30 -2.69
N GLU A 343 -0.84 -0.03 -3.96
CA GLU A 343 -1.15 -1.00 -4.99
C GLU A 343 -0.16 -2.16 -4.92
N ARG A 344 -0.65 -3.34 -5.28
CA ARG A 344 0.25 -4.49 -5.36
C ARG A 344 -0.20 -5.42 -6.47
N SER A 345 0.75 -6.22 -6.93
CA SER A 345 0.48 -7.20 -7.96
C SER A 345 1.48 -8.33 -7.82
N ASP A 346 1.01 -9.54 -8.04
CA ASP A 346 1.91 -10.70 -8.04
C ASP A 346 2.17 -11.02 -9.49
N VAL A 347 3.44 -11.27 -9.81
CA VAL A 347 3.86 -11.59 -11.17
C VAL A 347 4.75 -12.84 -11.13
N ILE A 348 4.81 -13.53 -12.26
CA ILE A 348 5.78 -14.60 -12.44
C ILE A 348 6.83 -14.08 -13.41
N ILE A 349 8.10 -14.20 -13.01
CA ILE A 349 9.23 -13.89 -13.88
C ILE A 349 9.96 -15.18 -14.16
N ASP A 350 10.19 -15.49 -15.43
CA ASP A 350 10.98 -16.65 -15.84
C ASP A 350 12.40 -16.18 -16.15
N PHE A 351 13.35 -16.59 -15.31
CA PHE A 351 14.76 -16.26 -15.54
C PHE A 351 15.50 -17.31 -16.37
N SER A 352 14.82 -18.36 -16.84
CA SER A 352 15.52 -19.46 -17.49
C SER A 352 16.18 -19.04 -18.80
N GLN A 353 15.64 -18.03 -19.49
CA GLN A 353 16.29 -17.57 -20.72
C GLN A 353 17.35 -16.51 -20.44
N HIS A 354 17.64 -16.23 -19.17
CA HIS A 354 18.53 -15.15 -18.80
C HIS A 354 19.70 -15.66 -17.96
N LYS A 355 20.08 -16.91 -18.15
CA LYS A 355 21.15 -17.50 -17.37
C LYS A 355 22.42 -16.68 -17.52
N GLY A 356 23.04 -16.36 -16.39
CA GLY A 356 24.29 -15.63 -16.40
C GLY A 356 24.13 -14.14 -16.59
N LYS A 357 22.91 -13.63 -16.59
CA LYS A 357 22.65 -12.19 -16.76
C LYS A 357 22.36 -11.53 -15.43
N LYS A 358 22.62 -10.23 -15.38
CA LYS A 358 22.10 -9.36 -14.34
C LYS A 358 21.11 -8.42 -15.01
N LEU A 359 19.90 -8.35 -14.45
CA LEU A 359 18.80 -7.56 -14.99
C LEU A 359 18.39 -6.53 -13.97
N ILE A 360 18.40 -5.25 -14.37
CA ILE A 360 17.93 -4.20 -13.48
C ILE A 360 16.41 -4.09 -13.57
N LEU A 361 15.76 -4.07 -12.41
CA LEU A 361 14.36 -3.70 -12.28
C LEU A 361 14.35 -2.18 -12.15
N GLN A 362 13.90 -1.54 -13.24
CA GLN A 362 13.85 -0.10 -13.37
C GLN A 362 12.53 0.44 -12.83
N ASN A 363 12.59 1.70 -12.43
CA ASN A 363 11.43 2.58 -12.26
C ASN A 363 11.49 3.61 -13.38
N THR A 364 10.67 3.43 -14.41
CA THR A 364 10.76 4.33 -15.57
C THR A 364 10.16 5.70 -15.31
N ASN A 365 9.55 5.93 -14.14
CA ASN A 365 9.00 7.26 -13.84
C ASN A 365 10.06 8.30 -13.55
N ALA A 366 11.30 7.89 -13.28
CA ALA A 366 12.33 8.81 -12.81
C ALA A 366 13.63 8.52 -13.53
N GLU A 367 14.47 9.56 -13.60
CA GLU A 367 15.82 9.44 -14.10
C GLU A 367 16.80 9.24 -12.96
N GLY A 368 18.03 8.90 -13.32
CA GLY A 368 19.07 8.77 -12.33
C GLY A 368 18.83 7.60 -11.38
N ASN A 369 19.34 7.77 -10.15
CA ASN A 369 19.31 6.66 -9.20
C ASN A 369 17.89 6.28 -8.82
N MET A 370 16.95 7.22 -8.83
CA MET A 370 15.57 6.89 -8.53
C MET A 370 14.89 6.14 -9.66
N GLY A 371 15.54 5.98 -10.80
CA GLY A 371 15.10 5.09 -11.85
C GLY A 371 15.50 3.66 -11.65
N ILE A 372 16.13 3.33 -10.51
CA ILE A 372 16.61 1.98 -10.24
C ILE A 372 15.91 1.47 -8.98
N ILE A 373 15.33 0.27 -9.05
CA ILE A 373 14.75 -0.35 -7.87
C ILE A 373 15.68 -1.42 -7.33
N MET A 374 16.02 -2.42 -8.15
CA MET A 374 16.88 -3.50 -7.65
C MET A 374 17.46 -4.24 -8.85
N ARG A 375 18.30 -5.23 -8.58
CA ARG A 375 18.91 -6.02 -9.65
C ARG A 375 18.70 -7.50 -9.37
N PHE A 376 18.37 -8.27 -10.41
CA PHE A 376 18.28 -9.73 -10.32
C PHE A 376 19.52 -10.32 -10.96
N ASP A 377 20.24 -11.15 -10.22
CA ASP A 377 21.47 -11.76 -10.70
C ASP A 377 21.19 -13.24 -10.97
N VAL A 378 21.11 -13.62 -12.24
CA VAL A 378 20.73 -15.00 -12.56
C VAL A 378 22.00 -15.85 -12.55
N LEU A 379 22.48 -16.12 -11.35
CA LEU A 379 23.84 -16.63 -11.16
C LEU A 379 23.88 -17.83 -10.25
N GLN A 380 22.75 -18.20 -9.65
CA GLN A 380 22.70 -19.37 -8.80
C GLN A 380 22.48 -20.59 -9.68
N PRO A 381 23.29 -21.64 -9.55
CA PRO A 381 23.01 -22.86 -10.29
C PRO A 381 21.63 -23.41 -9.94
N LEU A 382 20.96 -23.92 -10.96
CA LEU A 382 19.65 -24.51 -10.77
C LEU A 382 19.71 -25.64 -9.74
N ARG A 383 18.83 -25.56 -8.75
CA ARG A 383 18.70 -26.58 -7.70
C ARG A 383 17.56 -27.53 -8.07
N GLY A 384 17.79 -28.35 -9.08
CA GLY A 384 16.79 -29.29 -9.51
C GLY A 384 15.70 -28.64 -10.35
N ARG A 385 14.95 -29.51 -11.01
CA ARG A 385 14.10 -29.09 -12.13
C ARG A 385 12.99 -28.16 -11.67
N ASP A 386 12.77 -27.11 -12.46
CA ASP A 386 11.64 -26.22 -12.26
C ASP A 386 10.36 -26.96 -12.66
N THR A 387 9.56 -27.34 -11.66
CA THR A 387 8.30 -28.00 -11.93
C THR A 387 7.12 -27.03 -11.91
N SER A 388 7.39 -25.74 -11.71
CA SER A 388 6.34 -24.75 -11.71
C SER A 388 5.86 -24.48 -13.14
N GLU A 389 4.64 -23.97 -13.24
CA GLU A 389 4.05 -23.66 -14.52
C GLU A 389 3.31 -22.34 -14.45
N ILE A 390 3.31 -21.62 -15.57
CA ILE A 390 2.41 -20.51 -15.76
C ILE A 390 1.11 -21.10 -16.31
N PRO A 391 0.03 -21.10 -15.54
CA PRO A 391 -1.15 -21.88 -15.95
C PRO A 391 -1.95 -21.16 -17.03
N ALA A 392 -2.78 -21.94 -17.71
CA ALA A 392 -3.69 -21.38 -18.71
C ALA A 392 -4.81 -20.59 -18.06
N LYS A 393 -5.28 -21.04 -16.90
CA LYS A 393 -6.24 -20.31 -16.11
C LYS A 393 -5.81 -20.33 -14.65
N LEU A 394 -6.16 -19.26 -13.93
CA LEU A 394 -5.86 -19.18 -12.51
C LEU A 394 -7.05 -19.55 -11.62
N ILE A 395 -8.17 -18.85 -11.75
CA ILE A 395 -9.35 -19.18 -10.98
C ILE A 395 -10.41 -19.79 -11.88
N SER A 396 -11.42 -20.37 -11.25
CA SER A 396 -12.44 -21.08 -11.99
C SER A 396 -13.79 -20.39 -11.91
N GLU A 397 -13.88 -19.25 -11.22
CA GLU A 397 -15.10 -18.47 -11.13
C GLU A 397 -14.77 -16.99 -11.20
N GLU A 398 -15.63 -16.23 -11.86
CA GLU A 398 -15.47 -14.78 -11.94
C GLU A 398 -16.84 -14.15 -11.69
N GLN A 399 -16.86 -13.12 -10.85
CA GLN A 399 -18.08 -12.35 -10.60
C GLN A 399 -18.03 -11.12 -11.49
N VAL A 400 -19.10 -10.88 -12.23
CA VAL A 400 -19.21 -9.76 -13.15
C VAL A 400 -20.10 -8.71 -12.49
N LEU A 401 -19.69 -7.45 -12.54
CA LEU A 401 -20.54 -6.32 -12.16
C LEU A 401 -20.72 -5.39 -13.35
N TYR A 402 -21.95 -4.96 -13.59
CA TYR A 402 -22.28 -4.12 -14.74
C TYR A 402 -22.65 -2.72 -14.31
N GLU A 403 -22.09 -1.72 -15.00
CA GLU A 403 -22.38 -0.32 -14.71
C GLU A 403 -23.88 -0.03 -14.74
N HIS A 404 -24.61 -0.61 -15.69
CA HIS A 404 -26.03 -0.32 -15.80
C HIS A 404 -26.86 -1.00 -14.71
N HIS A 405 -26.25 -1.86 -13.89
CA HIS A 405 -26.91 -2.43 -12.72
C HIS A 405 -26.66 -1.63 -11.45
N ALA A 406 -26.02 -0.47 -11.56
CA ALA A 406 -25.68 0.28 -10.35
C ALA A 406 -26.95 0.73 -9.63
N ASP A 407 -27.02 0.41 -8.34
CA ASP A 407 -28.09 0.89 -7.49
C ASP A 407 -27.84 2.33 -7.08
N LYS A 408 -26.57 2.71 -6.89
CA LYS A 408 -26.22 4.09 -6.57
C LYS A 408 -24.95 4.48 -7.32
N THR A 409 -24.91 5.74 -7.76
CA THR A 409 -23.73 6.33 -8.40
C THR A 409 -23.32 7.57 -7.63
N ARG A 410 -22.04 7.66 -7.26
CA ARG A 410 -21.51 8.77 -6.47
C ARG A 410 -20.52 9.57 -7.31
N LEU A 411 -20.72 10.88 -7.40
CA LEU A 411 -19.74 11.79 -8.01
C LEU A 411 -18.92 12.41 -6.90
N LEU A 412 -17.63 12.10 -6.87
CA LEU A 412 -16.75 12.41 -5.74
C LEU A 412 -15.53 13.17 -6.26
N LYS A 413 -15.45 14.46 -5.95
CA LYS A 413 -14.34 15.29 -6.39
C LYS A 413 -13.09 15.08 -5.54
N LEU A 414 -11.93 15.18 -6.19
CA LEU A 414 -10.63 15.22 -5.52
C LEU A 414 -10.06 16.60 -5.79
N ASP A 415 -9.79 17.37 -4.73
CA ASP A 415 -9.41 18.77 -4.92
C ASP A 415 -8.55 19.20 -3.74
N ALA A 416 -8.10 20.44 -3.77
CA ALA A 416 -7.41 21.07 -2.65
C ALA A 416 -7.97 22.46 -2.42
N ILE A 417 -7.98 22.88 -1.15
CA ILE A 417 -8.23 24.27 -0.77
C ILE A 417 -6.97 24.78 -0.08
N GLN A 418 -6.96 26.06 0.25
CA GLN A 418 -5.87 26.63 1.03
C GLN A 418 -6.36 26.92 2.43
N ASP A 419 -5.54 26.59 3.44
CA ASP A 419 -5.89 26.89 4.82
C ASP A 419 -5.45 28.30 5.18
N GLU A 420 -5.68 28.68 6.45
CA GLU A 420 -5.35 30.03 6.90
C GLU A 420 -3.86 30.28 6.91
N TYR A 421 -3.04 29.23 6.84
CA TYR A 421 -1.59 29.35 6.79
C TYR A 421 -1.06 29.27 5.37
N ASN A 422 -1.94 29.36 4.37
CA ASN A 422 -1.56 29.22 2.96
C ASN A 422 -0.97 27.87 2.62
N ARG A 423 -1.39 26.84 3.34
CA ARG A 423 -1.02 25.47 2.97
C ARG A 423 -2.16 24.80 2.21
N PRO A 424 -1.85 23.90 1.28
CA PRO A 424 -2.91 23.10 0.68
C PRO A 424 -3.53 22.16 1.70
N VAL A 425 -4.85 21.99 1.61
CA VAL A 425 -5.57 20.94 2.32
C VAL A 425 -6.22 20.08 1.25
N LEU A 426 -5.86 18.80 1.20
CA LEU A 426 -6.36 17.91 0.16
C LEU A 426 -7.69 17.34 0.65
N LEU A 427 -8.73 17.45 -0.18
CA LEU A 427 -10.11 17.15 0.23
C LEU A 427 -10.83 16.27 -0.77
N LEU A 428 -11.60 15.32 -0.22
CA LEU A 428 -12.57 14.53 -0.96
C LEU A 428 -13.94 15.20 -0.86
N ASP A 429 -14.60 15.40 -2.00
CA ASP A 429 -16.04 15.77 -2.03
C ASP A 429 -16.30 17.06 -1.27
N ASP A 430 -15.35 18.01 -1.36
CA ASP A 430 -15.50 19.34 -0.73
C ASP A 430 -15.61 19.27 0.77
N ARG A 431 -15.23 18.16 1.39
CA ARG A 431 -15.53 17.94 2.79
C ARG A 431 -14.28 17.52 3.55
N MET A 432 -14.26 17.83 4.84
CA MET A 432 -13.20 17.40 5.72
C MET A 432 -13.61 16.13 6.46
N TRP A 433 -12.61 15.47 7.06
CA TRP A 433 -12.85 14.23 7.79
C TRP A 433 -14.01 14.38 8.78
N HIS A 434 -14.09 15.49 9.50
CA HIS A 434 -15.04 15.63 10.59
C HIS A 434 -16.42 16.12 10.16
N ASP A 435 -16.60 16.43 8.88
CA ASP A 435 -17.92 16.81 8.38
C ASP A 435 -18.84 15.60 8.40
N PRO A 436 -20.15 15.81 8.54
CA PRO A 436 -21.08 14.68 8.63
C PRO A 436 -20.92 13.69 7.47
N VAL A 437 -21.04 12.40 7.81
CA VAL A 437 -20.85 11.34 6.83
C VAL A 437 -21.83 11.50 5.67
N THR A 438 -21.33 11.30 4.45
CA THR A 438 -22.14 11.32 3.24
C THR A 438 -22.12 10.01 2.48
N GLU A 439 -21.08 9.18 2.64
CA GLU A 439 -21.04 7.88 1.97
C GLU A 439 -21.60 6.84 2.94
N LYS A 440 -22.84 6.40 2.69
CA LYS A 440 -23.51 5.41 3.53
C LYS A 440 -24.02 4.27 2.66
N PRO A 441 -23.10 3.46 2.10
CA PRO A 441 -23.53 2.37 1.23
C PRO A 441 -24.35 1.31 1.96
N VAL A 442 -25.34 0.77 1.26
CA VAL A 442 -26.28 -0.22 1.81
C VAL A 442 -25.85 -1.61 1.38
N ILE A 443 -25.81 -2.54 2.34
CA ILE A 443 -25.53 -3.94 2.04
C ILE A 443 -26.49 -4.44 0.97
N GLY A 444 -25.93 -5.14 -0.03
CA GLY A 444 -26.68 -5.62 -1.17
C GLY A 444 -26.63 -4.72 -2.37
N ASP A 445 -26.20 -3.47 -2.22
CA ASP A 445 -26.22 -2.50 -3.31
C ASP A 445 -24.94 -2.59 -4.13
N THR A 446 -25.10 -2.42 -5.44
CA THR A 446 -24.00 -2.20 -6.36
C THR A 446 -23.83 -0.70 -6.55
N GLU A 447 -22.60 -0.22 -6.40
CA GLU A 447 -22.30 1.19 -6.46
C GLU A 447 -21.22 1.45 -7.50
N VAL A 448 -21.39 2.54 -8.23
CA VAL A 448 -20.36 3.10 -9.10
C VAL A 448 -19.89 4.40 -8.47
N TRP A 449 -18.59 4.51 -8.23
CA TRP A 449 -18.01 5.74 -7.73
C TRP A 449 -17.20 6.38 -8.86
N LYS A 450 -17.48 7.66 -9.14
CA LYS A 450 -16.81 8.42 -10.18
C LYS A 450 -15.92 9.44 -9.48
N LEU A 451 -14.62 9.24 -9.58
CA LEU A 451 -13.62 10.06 -8.91
C LEU A 451 -13.19 11.15 -9.88
N ILE A 452 -13.61 12.38 -9.60
CA ILE A 452 -13.41 13.51 -10.50
C ILE A 452 -12.17 14.24 -10.02
N ASN A 453 -11.03 14.02 -10.67
CA ASN A 453 -9.78 14.59 -10.16
C ASN A 453 -9.54 15.95 -10.79
N VAL A 454 -9.70 17.01 -10.00
CA VAL A 454 -9.54 18.36 -10.51
C VAL A 454 -8.18 18.94 -10.16
N THR A 455 -7.30 18.16 -9.52
CA THR A 455 -5.92 18.55 -9.28
C THR A 455 -5.06 18.16 -10.49
N ASN A 456 -3.78 18.55 -10.43
CA ASN A 456 -2.85 18.28 -11.51
C ASN A 456 -2.05 17.00 -11.30
N PHE A 457 -2.36 16.24 -10.25
CA PHE A 457 -1.62 15.03 -9.91
C PHE A 457 -2.57 13.87 -9.68
N ALA A 458 -2.06 12.65 -9.89
CA ALA A 458 -2.84 11.46 -9.63
C ALA A 458 -2.97 11.21 -8.13
N HIS A 459 -4.12 10.65 -7.72
CA HIS A 459 -4.31 10.25 -6.31
C HIS A 459 -4.71 8.78 -6.27
N PRO A 460 -3.99 7.95 -5.54
CA PRO A 460 -4.40 6.56 -5.37
C PRO A 460 -5.47 6.43 -4.29
N ILE A 461 -6.72 6.27 -4.70
CA ILE A 461 -7.84 6.26 -3.77
C ILE A 461 -8.08 4.84 -3.29
N HIS A 462 -8.13 4.64 -1.97
CA HIS A 462 -8.34 3.35 -1.34
C HIS A 462 -9.72 3.36 -0.67
N ILE A 463 -10.52 2.35 -0.97
CA ILE A 463 -11.82 2.16 -0.32
C ILE A 463 -11.70 0.92 0.56
N HIS A 464 -12.06 1.06 1.83
CA HIS A 464 -11.95 -0.08 2.73
C HIS A 464 -13.09 -1.07 2.48
N LEU A 465 -12.93 -2.24 3.09
CA LEU A 465 -13.88 -3.37 3.21
C LEU A 465 -14.15 -4.12 1.92
N ILE A 466 -14.19 -3.45 0.77
CA ILE A 466 -14.61 -4.09 -0.48
C ILE A 466 -13.43 -4.17 -1.43
N GLN A 467 -13.65 -4.86 -2.55
CA GLN A 467 -12.80 -4.78 -3.73
C GLN A 467 -13.68 -4.29 -4.89
N PHE A 468 -13.07 -3.58 -5.82
CA PHE A 468 -13.82 -3.02 -6.94
C PHE A 468 -13.14 -3.38 -8.26
N LYS A 469 -13.85 -3.14 -9.35
CA LYS A 469 -13.29 -3.20 -10.70
C LYS A 469 -13.26 -1.79 -11.27
N ILE A 470 -12.16 -1.45 -11.93
CA ILE A 470 -12.07 -0.19 -12.65
C ILE A 470 -12.91 -0.29 -13.92
N LEU A 471 -13.88 0.61 -14.08
CA LEU A 471 -14.70 0.60 -15.27
C LEU A 471 -13.99 1.33 -16.41
N HIS A 472 -13.55 2.56 -16.14
CA HIS A 472 -12.95 3.35 -17.23
C HIS A 472 -12.49 4.69 -16.67
N ARG A 473 -11.73 5.42 -17.47
CA ARG A 473 -11.37 6.81 -17.17
C ARG A 473 -11.70 7.69 -18.37
N THR A 474 -12.28 8.86 -18.11
CA THR A 474 -12.75 9.73 -19.18
C THR A 474 -12.20 11.13 -18.96
N PRO A 475 -11.49 11.71 -19.94
CA PRO A 475 -10.94 13.06 -19.74
C PRO A 475 -12.03 14.11 -19.79
N PHE A 476 -11.81 15.19 -19.04
CA PHE A 476 -12.73 16.32 -19.05
C PHE A 476 -11.94 17.63 -19.08
N ASP A 477 -12.65 18.70 -19.41
CA ASP A 477 -12.05 20.04 -19.53
C ASP A 477 -11.88 20.63 -18.14
N LEU A 478 -10.62 20.70 -17.68
CA LEU A 478 -10.35 21.15 -16.32
C LEU A 478 -10.72 22.62 -16.12
N GLU A 479 -10.40 23.50 -17.06
CA GLU A 479 -10.73 24.90 -16.88
C GLU A 479 -12.24 25.12 -16.83
N ARG A 480 -12.99 24.41 -17.67
CA ARG A 480 -14.44 24.57 -17.63
C ARG A 480 -15.01 24.11 -16.28
N PHE A 481 -14.51 22.99 -15.76
CA PHE A 481 -14.97 22.58 -14.44
C PHE A 481 -14.64 23.62 -13.40
N GLN A 482 -13.43 24.17 -13.47
CA GLN A 482 -13.06 25.21 -12.51
C GLN A 482 -14.01 26.41 -12.59
N GLN A 483 -14.54 26.70 -13.78
CA GLN A 483 -15.43 27.85 -13.92
C GLN A 483 -16.79 27.59 -13.28
N ASP A 484 -17.44 26.49 -13.64
CA ASP A 484 -18.81 26.36 -13.15
C ASP A 484 -19.21 24.96 -12.72
N GLY A 485 -18.26 24.03 -12.61
CA GLY A 485 -18.56 22.70 -12.14
C GLY A 485 -19.15 21.77 -13.17
N TYR A 486 -19.31 22.22 -14.42
CA TYR A 486 -19.81 21.34 -15.46
C TYR A 486 -18.70 20.39 -15.90
N ILE A 487 -19.03 19.09 -15.99
CA ILE A 487 -18.11 18.05 -16.47
C ILE A 487 -18.27 18.01 -17.98
N ASP A 488 -17.32 18.57 -18.71
CA ASP A 488 -17.36 18.57 -20.17
C ASP A 488 -16.36 17.52 -20.65
N TYR A 489 -16.85 16.35 -21.03
CA TYR A 489 -15.94 15.30 -21.47
C TYR A 489 -15.30 15.66 -22.81
N THR A 490 -13.98 15.46 -22.90
CA THR A 490 -13.22 15.87 -24.07
C THR A 490 -12.77 14.69 -24.90
N GLY A 491 -13.21 13.49 -24.55
CA GLY A 491 -12.89 12.30 -25.29
C GLY A 491 -13.71 11.14 -24.80
N PRO A 492 -13.63 10.02 -25.50
CA PRO A 492 -14.36 8.82 -25.09
C PRO A 492 -13.75 8.21 -23.85
N PRO A 493 -14.51 7.39 -23.12
CA PRO A 493 -13.92 6.63 -22.01
C PRO A 493 -12.81 5.71 -22.48
N ILE A 494 -11.80 5.57 -21.63
CA ILE A 494 -10.63 4.73 -21.87
C ILE A 494 -10.69 3.55 -20.90
N GLU A 495 -10.53 2.34 -21.42
CA GLU A 495 -10.60 1.16 -20.56
C GLU A 495 -9.43 1.16 -19.59
N PRO A 496 -9.56 0.44 -18.49
CA PRO A 496 -8.38 0.24 -17.63
C PRO A 496 -7.26 -0.42 -18.43
N ALA A 497 -6.03 -0.08 -18.06
CA ALA A 497 -4.88 -0.69 -18.72
C ALA A 497 -4.76 -2.17 -18.36
N VAL A 498 -3.96 -2.90 -19.14
CA VAL A 498 -3.99 -4.36 -19.05
C VAL A 498 -3.56 -4.88 -17.69
N HIS A 499 -2.80 -4.09 -16.92
CA HIS A 499 -2.29 -4.54 -15.63
C HIS A 499 -3.22 -4.20 -14.46
N GLU A 500 -4.39 -3.63 -14.71
CA GLU A 500 -5.25 -3.17 -13.61
C GLU A 500 -6.69 -3.57 -13.86
N ARG A 501 -6.90 -4.77 -14.41
CA ARG A 501 -8.23 -5.26 -14.74
C ARG A 501 -8.78 -6.25 -13.74
N GLY A 502 -8.02 -6.64 -12.72
CA GLY A 502 -8.52 -7.52 -11.69
C GLY A 502 -9.21 -6.75 -10.57
N TRP A 503 -9.59 -7.49 -9.53
CA TRP A 503 -10.20 -6.85 -8.37
C TRP A 503 -9.15 -6.03 -7.63
N LYS A 504 -9.53 -4.81 -7.24
CA LYS A 504 -8.59 -3.86 -6.67
C LYS A 504 -9.24 -3.10 -5.51
N ASP A 505 -8.38 -2.58 -4.64
CA ASP A 505 -8.86 -1.73 -3.56
C ASP A 505 -8.22 -0.36 -3.56
N THR A 506 -7.26 -0.10 -4.43
CA THR A 506 -6.58 1.17 -4.54
C THR A 506 -6.48 1.46 -6.02
N VAL A 507 -6.94 2.64 -6.44
CA VAL A 507 -7.04 2.97 -7.86
C VAL A 507 -6.33 4.29 -8.15
N LYS A 508 -5.54 4.32 -9.22
CA LYS A 508 -4.92 5.58 -9.65
C LYS A 508 -5.99 6.44 -10.29
N ALA A 509 -6.38 7.51 -9.62
CA ALA A 509 -7.31 8.48 -10.17
C ALA A 509 -6.50 9.55 -10.88
N GLU A 510 -6.54 9.52 -12.22
CA GLU A 510 -5.71 10.37 -13.05
C GLU A 510 -6.19 11.82 -13.02
N PRO A 511 -5.27 12.78 -13.09
CA PRO A 511 -5.67 14.20 -13.13
C PRO A 511 -6.44 14.53 -14.40
N GLY A 512 -7.41 15.41 -14.26
CA GLY A 512 -8.18 15.82 -15.44
C GLY A 512 -9.03 14.72 -16.03
N MET A 513 -9.33 13.69 -15.24
CA MET A 513 -10.14 12.58 -15.67
C MET A 513 -11.14 12.24 -14.58
N VAL A 514 -12.24 11.64 -15.01
CA VAL A 514 -13.15 10.95 -14.11
C VAL A 514 -12.79 9.47 -14.17
N THR A 515 -12.36 8.92 -13.02
CA THR A 515 -12.01 7.51 -12.93
C THR A 515 -13.16 6.79 -12.24
N SER A 516 -13.79 5.86 -12.95
CA SER A 516 -14.99 5.20 -12.46
C SER A 516 -14.67 3.78 -12.08
N VAL A 517 -15.14 3.39 -10.89
CA VAL A 517 -14.99 2.04 -10.34
C VAL A 517 -16.35 1.52 -9.89
N ILE A 518 -16.47 0.19 -9.85
CA ILE A 518 -17.72 -0.47 -9.50
C ILE A 518 -17.46 -1.52 -8.43
N MET A 519 -18.44 -1.68 -7.55
CA MET A 519 -18.33 -2.43 -6.32
C MET A 519 -19.70 -2.92 -5.87
N LYS A 520 -19.72 -3.97 -5.07
CA LYS A 520 -20.96 -4.43 -4.45
C LYS A 520 -20.72 -4.75 -2.99
N PHE A 521 -21.51 -4.14 -2.11
CA PHE A 521 -21.40 -4.37 -0.68
C PHE A 521 -22.22 -5.59 -0.30
N THR A 522 -21.62 -6.52 0.45
CA THR A 522 -22.30 -7.80 0.69
C THR A 522 -22.46 -8.15 2.16
N GLU A 523 -21.56 -7.68 3.03
CA GLU A 523 -21.65 -8.01 4.44
C GLU A 523 -20.81 -7.02 5.23
N ASN A 524 -20.81 -7.21 6.55
CA ASN A 524 -20.02 -6.43 7.50
C ASN A 524 -20.42 -4.95 7.56
N PRO A 525 -21.67 -4.63 7.90
CA PRO A 525 -22.00 -3.22 8.15
C PRO A 525 -21.21 -2.67 9.34
N GLY A 526 -20.88 -1.40 9.27
CA GLY A 526 -20.11 -0.76 10.31
C GLY A 526 -19.46 0.52 9.83
N GLU A 527 -18.55 1.01 10.67
CA GLU A 527 -17.88 2.29 10.44
C GLU A 527 -16.54 2.04 9.74
N TYR A 528 -16.43 2.47 8.49
CA TYR A 528 -15.19 2.35 7.73
C TYR A 528 -14.80 3.72 7.20
N VAL A 529 -13.82 3.75 6.30
CA VAL A 529 -13.32 4.99 5.73
C VAL A 529 -12.97 4.75 4.26
N TRP A 530 -12.76 5.85 3.54
CA TRP A 530 -12.12 5.83 2.23
C TRP A 530 -11.22 7.05 2.14
N HIS A 531 -10.14 6.95 1.38
CA HIS A 531 -9.14 8.02 1.49
C HIS A 531 -8.12 7.88 0.38
N CYS A 532 -7.41 8.98 0.14
CA CYS A 532 -6.21 8.90 -0.67
C CYS A 532 -5.12 8.17 0.11
N HIS A 533 -4.34 7.35 -0.59
CA HIS A 533 -3.24 6.62 0.03
C HIS A 533 -1.88 7.27 -0.16
N ILE A 534 -1.85 8.50 -0.69
CA ILE A 534 -0.69 9.33 -0.43
C ILE A 534 -0.82 9.78 1.02
N LEU A 535 0.07 9.31 1.89
CA LEU A 535 -0.20 9.49 3.31
C LEU A 535 -0.16 10.95 3.73
N GLU A 536 0.67 11.75 3.04
CA GLU A 536 0.71 13.18 3.27
C GLU A 536 -0.61 13.85 2.92
N HIS A 537 -1.41 13.26 2.04
CA HIS A 537 -2.74 13.77 1.73
C HIS A 537 -3.77 13.25 2.71
N GLU A 538 -3.72 11.95 3.01
CA GLU A 538 -4.62 11.34 3.99
C GLU A 538 -4.62 12.11 5.30
N ASP A 539 -3.44 12.53 5.77
CA ASP A 539 -3.34 13.19 7.07
C ASP A 539 -3.80 14.63 7.03
N TYR A 540 -3.93 15.26 5.86
CA TYR A 540 -4.46 16.62 5.79
C TYR A 540 -5.03 16.90 4.40
N ASP A 541 -6.32 16.59 4.22
CA ASP A 541 -7.24 15.94 5.14
C ASP A 541 -8.08 14.98 4.31
N MET A 542 -7.41 14.17 3.48
CA MET A 542 -8.10 13.59 2.33
C MET A 542 -8.60 12.17 2.65
N MET A 543 -9.50 12.14 3.62
CA MET A 543 -10.09 10.94 4.19
C MET A 543 -11.50 11.26 4.64
N ARG A 544 -12.43 10.34 4.38
CA ARG A 544 -13.83 10.54 4.73
C ARG A 544 -14.40 9.26 5.31
N PRO A 545 -15.38 9.38 6.20
CA PRO A 545 -16.04 8.16 6.70
C PRO A 545 -16.85 7.48 5.60
N MET A 546 -16.94 6.15 5.73
CA MET A 546 -17.86 5.29 4.99
C MET A 546 -18.65 4.45 5.96
N ARG A 547 -19.92 4.76 6.14
CA ARG A 547 -20.76 3.99 7.03
C ARG A 547 -21.54 2.98 6.21
N VAL A 548 -21.16 1.71 6.30
CA VAL A 548 -21.88 0.66 5.59
C VAL A 548 -23.06 0.22 6.44
N VAL A 549 -24.28 0.26 5.87
CA VAL A 549 -25.49 0.06 6.64
C VAL A 549 -26.27 -1.15 6.11
N GLU A 550 -27.10 -1.73 6.97
CA GLU A 550 -27.92 -2.87 6.58
C GLU A 550 -29.12 -2.40 5.80
#